data_5UB7
#
_entry.id   5UB7
#
_cell.length_a   66.366
_cell.length_b   67.115
_cell.length_c   113.702
_cell.angle_alpha   90.00
_cell.angle_beta   90.00
_cell.angle_gamma   90.00
#
_symmetry.space_group_name_H-M   'P 21 21 21'
#
loop_
_entity.id
_entity.type
_entity.pdbx_description
1 polymer 'Phosphate-binding protein'
2 non-polymer "ADENOSINE-5'-TRIPHOSPHATE"
3 water water
#
_entity_poly.entity_id   1
_entity_poly.type   'polypeptide(L)'
_entity_poly.pdbx_seq_one_letter_code
;MSSVLVLGRISDDPASHYEQLKPLLDYVVPRMREVGIRRGEILMAPDARQMSSYLRRGRVDWVSETTGAAMLLEQRGSAH
PLLMTERGGLRDFHTLFFVRRDSPIHSLSQLRGHTLALQNASSTSGYLLPMLELLRNGIACDVLLSADDTPARGSAGYLM
VGSKLNVAAFVHKHLIDVGALSNVDWDDERHMPPVFKRDFRIVHRTAPVPRAVEMVRTGMDPAVEQRLRVVLLQAASDPK
AGPALKRFFDTTGFRPLDPTSRRRLQELSAGVQRVRDHVE
;
_entity_poly.pdbx_strand_id   A,B
#
# COMPACT_ATOMS: atom_id res chain seq x y z
N SER A 2 4.57 -23.31 22.55
CA SER A 2 5.17 -22.08 23.13
C SER A 2 6.67 -22.15 22.97
N SER A 3 7.27 -23.17 23.56
CA SER A 3 8.67 -23.47 23.36
C SER A 3 8.93 -24.30 22.07
N VAL A 4 7.87 -24.73 21.36
CA VAL A 4 8.04 -25.51 20.13
C VAL A 4 7.54 -24.69 18.96
N LEU A 5 8.21 -24.79 17.81
CA LEU A 5 7.70 -24.18 16.57
C LEU A 5 7.23 -25.29 15.68
N VAL A 6 5.93 -25.26 15.34
CA VAL A 6 5.38 -26.31 14.52
C VAL A 6 5.05 -25.79 13.12
N LEU A 7 5.76 -26.37 12.15
CA LEU A 7 5.60 -26.10 10.71
C LEU A 7 4.73 -27.16 10.07
N GLY A 8 3.83 -26.79 9.19
CA GLY A 8 3.15 -27.80 8.37
C GLY A 8 2.61 -27.28 7.07
N ARG A 9 1.92 -28.18 6.38
CA ARG A 9 1.04 -27.81 5.27
C ARG A 9 -0.07 -28.83 5.08
N ILE A 10 -1.05 -28.46 4.27
CA ILE A 10 -2.10 -29.37 3.89
C ILE A 10 -1.49 -30.30 2.87
N SER A 11 -1.57 -31.60 3.09
CA SER A 11 -0.89 -32.51 2.21
C SER A 11 -1.57 -33.86 2.01
N ASP A 12 -1.71 -34.23 0.73
CA ASP A 12 -2.20 -35.57 0.35
C ASP A 12 -1.04 -36.59 0.18
N ASP A 13 0.15 -36.20 0.62
CA ASP A 13 1.35 -37.02 0.45
C ASP A 13 2.36 -36.59 1.52
N PRO A 14 2.09 -36.99 2.77
CA PRO A 14 2.95 -36.61 3.91
C PRO A 14 4.39 -37.16 3.85
N ALA A 15 4.56 -38.27 3.15
CA ALA A 15 5.84 -38.90 2.95
C ALA A 15 6.81 -38.00 2.18
N SER A 16 6.36 -37.41 1.05
CA SER A 16 7.21 -36.51 0.26
C SER A 16 7.31 -35.18 0.93
N HIS A 17 6.19 -34.62 1.34
CA HIS A 17 6.20 -33.24 1.84
C HIS A 17 7.02 -33.06 3.12
N TYR A 18 7.07 -34.08 3.97
CA TYR A 18 7.89 -34.06 5.18
C TYR A 18 9.32 -33.58 4.92
N GLU A 19 9.97 -34.23 3.96
CA GLU A 19 11.39 -33.95 3.66
C GLU A 19 11.62 -32.58 3.02
N GLN A 20 10.56 -32.06 2.44
CA GLN A 20 10.55 -30.71 1.92
C GLN A 20 10.47 -29.65 3.04
N LEU A 21 9.97 -30.01 4.22
CA LEU A 21 9.84 -29.05 5.33
C LEU A 21 10.93 -29.07 6.40
N LYS A 22 11.46 -30.24 6.72
N LYS A 22 11.45 -30.26 6.71
CA LYS A 22 12.41 -30.40 7.84
CA LYS A 22 12.41 -30.43 7.81
C LYS A 22 13.67 -29.53 7.70
C LYS A 22 13.67 -29.54 7.69
N PRO A 23 14.27 -29.47 6.48
CA PRO A 23 15.54 -28.70 6.35
C PRO A 23 15.39 -27.22 6.68
N LEU A 24 14.39 -26.56 6.09
CA LEU A 24 14.13 -25.17 6.48
C LEU A 24 13.83 -25.02 7.98
N LEU A 25 13.11 -25.99 8.57
CA LEU A 25 12.77 -25.91 10.00
C LEU A 25 14.06 -25.88 10.84
N ASP A 26 14.96 -26.80 10.53
CA ASP A 26 16.25 -26.89 11.20
C ASP A 26 17.11 -25.65 10.98
N TYR A 27 16.98 -25.00 9.82
CA TYR A 27 17.61 -23.70 9.63
C TYR A 27 16.98 -22.66 10.59
N VAL A 28 15.64 -22.65 10.66
CA VAL A 28 14.89 -21.60 11.37
C VAL A 28 14.99 -21.66 12.91
N VAL A 29 14.83 -22.85 13.46
CA VAL A 29 14.69 -23.04 14.92
C VAL A 29 15.82 -22.39 15.76
N PRO A 30 17.09 -22.72 15.46
CA PRO A 30 18.25 -22.07 16.06
C PRO A 30 18.15 -20.56 16.08
N ARG A 31 17.67 -20.01 14.99
CA ARG A 31 17.65 -18.57 14.82
C ARG A 31 16.49 -17.91 15.55
N MET A 32 15.65 -18.71 16.22
CA MET A 32 14.52 -18.26 17.01
C MET A 32 14.76 -18.35 18.52
N ARG A 33 15.91 -18.85 18.96
CA ARG A 33 16.10 -19.08 20.39
C ARG A 33 15.82 -17.83 21.19
N GLU A 34 16.29 -16.71 20.67
CA GLU A 34 16.10 -15.40 21.32
C GLU A 34 14.65 -14.92 21.54
N VAL A 35 13.64 -15.63 21.04
CA VAL A 35 12.22 -15.32 21.37
C VAL A 35 11.46 -16.48 22.06
N GLY A 36 12.18 -17.52 22.49
CA GLY A 36 11.59 -18.59 23.29
C GLY A 36 11.71 -19.96 22.67
N ILE A 37 11.94 -19.98 21.37
CA ILE A 37 11.81 -21.24 20.62
C ILE A 37 13.05 -22.04 20.84
N ARG A 38 12.87 -23.24 21.39
CA ARG A 38 13.97 -24.19 21.62
C ARG A 38 13.94 -25.34 20.66
N ARG A 39 12.81 -25.62 20.03
CA ARG A 39 12.70 -26.82 19.21
C ARG A 39 11.58 -26.71 18.20
N GLY A 40 11.56 -27.68 17.28
CA GLY A 40 10.63 -27.71 16.16
C GLY A 40 10.04 -29.08 15.85
N GLU A 41 8.83 -29.07 15.30
CA GLU A 41 8.12 -30.24 14.85
C GLU A 41 7.43 -29.98 13.51
N ILE A 42 7.22 -31.05 12.76
CA ILE A 42 6.41 -31.02 11.57
C ILE A 42 5.04 -31.59 11.91
N LEU A 43 3.97 -30.94 11.47
CA LEU A 43 2.65 -31.51 11.56
C LEU A 43 1.83 -31.09 10.35
N MET A 44 1.61 -32.04 9.43
CA MET A 44 0.81 -31.81 8.25
C MET A 44 -0.62 -32.21 8.56
N ALA A 45 -1.52 -31.91 7.64
CA ALA A 45 -2.89 -32.37 7.76
C ALA A 45 -3.44 -32.72 6.37
N PRO A 46 -4.45 -33.62 6.33
CA PRO A 46 -4.99 -34.11 5.04
C PRO A 46 -5.79 -33.08 4.23
N ASP A 47 -6.44 -32.15 4.92
CA ASP A 47 -7.24 -31.15 4.27
C ASP A 47 -7.25 -29.86 5.06
N ALA A 48 -7.84 -28.83 4.47
CA ALA A 48 -7.98 -27.51 5.05
C ALA A 48 -8.72 -27.50 6.36
N ARG A 49 -9.73 -28.36 6.51
CA ARG A 49 -10.59 -28.34 7.72
C ARG A 49 -9.86 -28.88 8.97
N GLN A 50 -9.08 -29.93 8.78
CA GLN A 50 -8.23 -30.47 9.85
C GLN A 50 -7.06 -29.54 10.17
N MET A 51 -6.47 -28.95 9.13
CA MET A 51 -5.38 -27.99 9.35
C MET A 51 -5.89 -26.79 10.11
N SER A 52 -7.05 -26.31 9.70
CA SER A 52 -7.70 -25.22 10.37
C SER A 52 -7.92 -25.55 11.85
N SER A 53 -8.34 -26.77 12.19
CA SER A 53 -8.57 -27.12 13.61
C SER A 53 -7.25 -27.08 14.38
N TYR A 54 -6.21 -27.66 13.77
CA TYR A 54 -4.87 -27.63 14.30
C TYR A 54 -4.40 -26.21 14.57
N LEU A 55 -4.54 -25.34 13.60
CA LEU A 55 -4.17 -23.95 13.79
C LEU A 55 -4.88 -23.33 15.01
N ARG A 56 -6.21 -23.45 15.09
CA ARG A 56 -6.99 -22.81 16.19
C ARG A 56 -6.67 -23.45 17.52
N ARG A 57 -6.40 -24.74 17.53
CA ARG A 57 -6.01 -25.42 18.77
C ARG A 57 -4.53 -25.26 19.14
N GLY A 58 -3.77 -24.52 18.34
CA GLY A 58 -2.35 -24.27 18.61
C GLY A 58 -1.44 -25.46 18.41
N ARG A 59 -1.83 -26.43 17.60
CA ARG A 59 -1.01 -27.58 17.30
C ARG A 59 -0.14 -27.32 16.11
N VAL A 60 -0.49 -26.37 15.28
CA VAL A 60 0.41 -25.91 14.21
C VAL A 60 0.56 -24.39 14.31
N ASP A 61 1.76 -23.89 14.04
CA ASP A 61 2.05 -22.45 14.06
C ASP A 61 2.24 -21.79 12.70
N TRP A 62 2.85 -22.49 11.77
CA TRP A 62 3.27 -21.87 10.54
C TRP A 62 3.03 -22.83 9.38
N VAL A 63 2.38 -22.38 8.31
CA VAL A 63 2.25 -23.23 7.12
C VAL A 63 2.68 -22.45 5.88
N SER A 64 3.25 -23.17 4.90
CA SER A 64 3.51 -22.62 3.59
C SER A 64 2.45 -23.18 2.67
N GLU A 65 1.74 -22.31 1.96
CA GLU A 65 0.61 -22.76 1.14
C GLU A 65 0.49 -21.95 -0.14
N THR A 66 -0.10 -22.57 -1.16
CA THR A 66 -0.56 -21.81 -2.28
C THR A 66 -1.68 -20.95 -1.76
N THR A 67 -1.94 -19.89 -2.50
CA THR A 67 -2.73 -18.79 -1.99
C THR A 67 -4.20 -19.11 -1.83
N GLY A 68 -4.79 -19.87 -2.75
CA GLY A 68 -6.16 -20.41 -2.57
C GLY A 68 -6.36 -21.23 -1.28
N ALA A 69 -5.45 -22.17 -1.04
CA ALA A 69 -5.47 -22.97 0.16
C ALA A 69 -5.28 -22.09 1.36
N ALA A 70 -4.38 -21.12 1.25
CA ALA A 70 -4.13 -20.23 2.39
C ALA A 70 -5.41 -19.43 2.78
N MET A 71 -6.17 -18.98 1.79
CA MET A 71 -7.42 -18.28 2.04
C MET A 71 -8.48 -19.21 2.63
N LEU A 72 -8.45 -20.50 2.31
CA LEU A 72 -9.35 -21.44 2.99
C LEU A 72 -9.07 -21.38 4.48
N LEU A 73 -7.79 -21.34 4.84
CA LEU A 73 -7.42 -21.30 6.25
C LEU A 73 -7.80 -19.96 6.89
N GLU A 74 -7.52 -18.84 6.21
CA GLU A 74 -7.87 -17.51 6.74
C GLU A 74 -9.38 -17.35 6.93
N GLN A 75 -10.18 -17.93 6.04
CA GLN A 75 -11.64 -17.76 6.11
C GLN A 75 -12.23 -18.37 7.34
N ARG A 76 -11.63 -19.45 7.81
CA ARG A 76 -12.10 -20.13 9.01
C ARG A 76 -11.53 -19.50 10.27
N GLY A 77 -11.02 -18.28 10.21
CA GLY A 77 -10.54 -17.56 11.40
C GLY A 77 -9.23 -18.04 12.02
N SER A 78 -8.56 -18.98 11.35
CA SER A 78 -7.53 -19.77 11.99
C SER A 78 -6.08 -19.32 11.70
N ALA A 79 -5.84 -18.45 10.70
CA ALA A 79 -4.49 -18.01 10.36
C ALA A 79 -4.48 -16.71 9.57
N HIS A 80 -3.31 -16.05 9.48
CA HIS A 80 -3.17 -14.85 8.66
C HIS A 80 -1.80 -14.80 7.96
N PRO A 81 -1.67 -14.01 6.88
CA PRO A 81 -0.43 -14.02 6.08
C PRO A 81 0.78 -13.43 6.82
N LEU A 82 1.96 -14.01 6.66
CA LEU A 82 3.20 -13.51 7.24
C LEU A 82 4.06 -12.85 6.14
N LEU A 83 4.27 -13.58 5.07
CA LEU A 83 5.06 -13.09 3.92
C LEU A 83 4.44 -13.69 2.69
N MET A 84 4.58 -12.99 1.58
CA MET A 84 4.34 -13.59 0.25
C MET A 84 5.56 -14.37 -0.12
N THR A 85 5.34 -15.49 -0.80
CA THR A 85 6.35 -16.47 -1.09
C THR A 85 6.41 -16.63 -2.61
N GLU A 86 7.64 -16.85 -3.07
CA GLU A 86 8.01 -16.95 -4.47
C GLU A 86 8.68 -18.32 -4.69
N ARG A 87 8.25 -19.06 -5.71
CA ARG A 87 8.71 -20.44 -5.94
C ARG A 87 9.17 -20.64 -7.39
N GLY A 88 10.27 -21.35 -7.58
CA GLY A 88 10.87 -21.49 -8.91
C GLY A 88 11.09 -20.17 -9.64
N GLY A 89 11.52 -19.13 -8.93
CA GLY A 89 11.62 -17.79 -9.51
C GLY A 89 10.31 -17.06 -9.83
N LEU A 90 9.15 -17.61 -9.44
CA LEU A 90 7.86 -17.04 -9.82
C LEU A 90 7.04 -16.53 -8.64
N ARG A 91 6.60 -15.29 -8.74
CA ARG A 91 5.70 -14.69 -7.80
C ARG A 91 4.25 -15.13 -7.99
N ASP A 92 3.88 -15.39 -9.25
CA ASP A 92 2.50 -15.69 -9.65
C ASP A 92 2.42 -17.02 -10.38
N PHE A 93 1.21 -17.54 -10.44
CA PHE A 93 0.91 -18.64 -11.33
C PHE A 93 -0.55 -18.58 -11.72
N HIS A 94 -0.92 -19.49 -12.61
CA HIS A 94 -2.29 -19.51 -13.08
C HIS A 94 -2.69 -20.90 -13.51
N THR A 95 -4.00 -21.07 -13.74
CA THR A 95 -4.56 -22.37 -14.11
C THR A 95 -4.79 -22.41 -15.61
N LEU A 96 -4.54 -23.56 -16.21
CA LEU A 96 -4.94 -23.77 -17.58
C LEU A 96 -5.77 -25.01 -17.72
N PHE A 97 -6.64 -25.00 -18.72
CA PHE A 97 -7.53 -26.09 -19.03
C PHE A 97 -7.02 -26.66 -20.32
N PHE A 98 -6.95 -27.99 -20.37
CA PHE A 98 -6.35 -28.70 -21.51
C PHE A 98 -7.20 -29.89 -21.91
N VAL A 99 -7.14 -30.20 -23.20
CA VAL A 99 -7.89 -31.32 -23.79
C VAL A 99 -6.99 -32.14 -24.70
N ARG A 100 -7.47 -33.27 -25.17
CA ARG A 100 -6.74 -33.95 -26.21
C ARG A 100 -6.88 -33.19 -27.52
N ARG A 101 -5.84 -33.15 -28.34
CA ARG A 101 -5.90 -32.38 -29.60
C ARG A 101 -7.09 -32.77 -30.49
N ASP A 102 -7.36 -34.07 -30.55
CA ASP A 102 -8.48 -34.65 -31.31
C ASP A 102 -9.89 -34.36 -30.75
N SER A 103 -9.95 -33.73 -29.57
CA SER A 103 -11.20 -33.30 -28.93
C SER A 103 -11.92 -32.24 -29.76
N PRO A 104 -13.27 -32.27 -29.76
CA PRO A 104 -14.02 -31.12 -30.32
C PRO A 104 -13.89 -29.82 -29.54
N ILE A 105 -13.32 -29.85 -28.34
CA ILE A 105 -13.35 -28.71 -27.44
C ILE A 105 -12.23 -27.75 -27.81
N HIS A 106 -12.63 -26.48 -28.02
CA HIS A 106 -11.73 -25.38 -28.37
C HIS A 106 -11.79 -24.13 -27.48
N SER A 107 -12.65 -24.14 -26.47
CA SER A 107 -12.84 -22.97 -25.64
C SER A 107 -13.44 -23.46 -24.34
N LEU A 108 -13.37 -22.63 -23.30
CA LEU A 108 -13.98 -22.91 -22.02
C LEU A 108 -15.50 -23.11 -22.12
N SER A 109 -16.13 -22.29 -22.96
CA SER A 109 -17.58 -22.35 -23.15
C SER A 109 -18.04 -23.71 -23.64
N GLN A 110 -17.20 -24.43 -24.38
CA GLN A 110 -17.51 -25.83 -24.79
C GLN A 110 -17.22 -26.97 -23.79
N LEU A 111 -16.89 -26.65 -22.54
CA LEU A 111 -16.94 -27.65 -21.45
C LEU A 111 -18.35 -28.16 -21.18
N ARG A 112 -19.35 -27.37 -21.58
CA ARG A 112 -20.75 -27.79 -21.47
C ARG A 112 -20.96 -29.11 -22.22
N GLY A 113 -21.57 -30.08 -21.55
CA GLY A 113 -21.70 -31.45 -22.01
C GLY A 113 -20.52 -32.35 -21.76
N HIS A 114 -19.51 -31.89 -21.05
CA HIS A 114 -18.28 -32.64 -20.98
C HIS A 114 -17.74 -32.68 -19.55
N THR A 115 -16.76 -33.55 -19.30
CA THR A 115 -16.21 -33.79 -17.96
C THR A 115 -14.85 -33.12 -17.72
N LEU A 116 -14.59 -32.77 -16.46
CA LEU A 116 -13.40 -32.06 -16.05
C LEU A 116 -12.70 -32.81 -14.87
N ALA A 117 -11.41 -33.08 -15.03
CA ALA A 117 -10.58 -33.69 -13.99
C ALA A 117 -10.03 -32.62 -13.08
N LEU A 118 -10.33 -32.75 -11.80
CA LEU A 118 -9.78 -31.85 -10.78
C LEU A 118 -9.06 -32.66 -9.73
N GLN A 119 -8.29 -31.93 -8.90
CA GLN A 119 -7.37 -32.53 -7.97
C GLN A 119 -8.02 -32.88 -6.61
N ASN A 120 -8.11 -31.92 -5.72
CA ASN A 120 -8.66 -32.13 -4.40
C ASN A 120 -9.07 -30.76 -3.89
N ALA A 121 -9.96 -30.74 -2.91
CA ALA A 121 -10.62 -29.50 -2.50
C ALA A 121 -9.69 -28.41 -1.94
N SER A 122 -8.45 -28.77 -1.57
CA SER A 122 -7.49 -27.80 -1.08
C SER A 122 -6.54 -27.25 -2.18
N SER A 123 -6.64 -27.73 -3.42
CA SER A 123 -5.71 -27.31 -4.50
C SER A 123 -6.13 -25.97 -5.08
N THR A 124 -5.18 -25.03 -5.04
CA THR A 124 -5.39 -23.71 -5.60
C THR A 124 -5.50 -23.82 -7.15
N SER A 125 -4.51 -24.39 -7.79
CA SER A 125 -4.49 -24.46 -9.26
C SER A 125 -5.30 -25.59 -9.87
N GLY A 126 -5.58 -26.61 -9.08
CA GLY A 126 -6.29 -27.80 -9.57
C GLY A 126 -7.71 -27.98 -9.10
N TYR A 127 -8.23 -27.01 -8.33
CA TYR A 127 -9.64 -27.03 -7.94
C TYR A 127 -10.23 -25.63 -7.78
N LEU A 128 -9.68 -24.85 -6.88
CA LEU A 128 -10.28 -23.57 -6.50
C LEU A 128 -10.36 -22.63 -7.68
N LEU A 129 -9.21 -22.38 -8.31
CA LEU A 129 -9.16 -21.48 -9.49
C LEU A 129 -9.94 -21.96 -10.72
N PRO A 130 -9.87 -23.27 -11.06
CA PRO A 130 -10.75 -23.66 -12.18
C PRO A 130 -12.25 -23.60 -11.85
N MET A 131 -12.65 -23.94 -10.63
CA MET A 131 -14.06 -23.82 -10.27
C MET A 131 -14.46 -22.36 -10.33
N LEU A 132 -13.59 -21.47 -9.88
CA LEU A 132 -13.91 -20.05 -9.85
C LEU A 132 -14.16 -19.52 -11.27
N GLU A 133 -13.26 -19.95 -12.16
CA GLU A 133 -13.33 -19.65 -13.58
C GLU A 133 -14.67 -20.06 -14.19
N LEU A 134 -15.14 -21.25 -13.84
CA LEU A 134 -16.41 -21.74 -14.34
C LEU A 134 -17.53 -20.85 -13.84
N LEU A 135 -17.50 -20.52 -12.56
CA LEU A 135 -18.49 -19.59 -11.99
C LEU A 135 -18.54 -18.24 -12.71
N ARG A 136 -17.39 -17.66 -12.97
CA ARG A 136 -17.33 -16.38 -13.70
C ARG A 136 -17.95 -16.43 -15.11
N ASN A 137 -17.85 -17.58 -15.75
CA ASN A 137 -18.35 -17.74 -17.08
C ASN A 137 -19.76 -18.36 -17.12
N GLY A 138 -20.40 -18.44 -15.95
CA GLY A 138 -21.72 -19.07 -15.82
C GLY A 138 -21.84 -20.51 -16.25
N ILE A 139 -20.77 -21.27 -16.15
CA ILE A 139 -20.78 -22.63 -16.65
C ILE A 139 -21.07 -23.52 -15.46
N ALA A 140 -22.28 -24.08 -15.42
CA ALA A 140 -22.64 -25.03 -14.36
C ALA A 140 -21.65 -26.18 -14.41
N CYS A 141 -21.22 -26.63 -13.23
CA CYS A 141 -20.31 -27.77 -13.13
C CYS A 141 -20.71 -28.69 -11.96
N ASP A 142 -21.52 -29.70 -12.22
CA ASP A 142 -22.02 -30.58 -11.17
C ASP A 142 -20.96 -31.65 -10.82
N VAL A 143 -20.87 -32.05 -9.55
CA VAL A 143 -20.02 -33.16 -9.18
C VAL A 143 -20.53 -34.45 -9.84
N LEU A 144 -19.63 -35.24 -10.40
CA LEU A 144 -19.98 -36.52 -11.02
C LEU A 144 -19.49 -37.59 -10.07
N LEU A 145 -20.26 -38.67 -9.92
CA LEU A 145 -19.95 -39.66 -8.90
C LEU A 145 -18.92 -40.70 -9.35
N SER A 146 -18.83 -40.94 -10.65
CA SER A 146 -17.88 -41.91 -11.19
C SER A 146 -17.59 -41.57 -12.64
N ALA A 147 -16.56 -42.19 -13.19
CA ALA A 147 -16.20 -41.91 -14.59
C ALA A 147 -17.26 -42.41 -15.55
N ASP A 148 -18.17 -43.30 -15.13
CA ASP A 148 -19.41 -43.61 -15.90
C ASP A 148 -20.49 -42.53 -15.91
N ASP A 149 -20.51 -41.70 -14.89
CA ASP A 149 -21.52 -40.69 -14.74
C ASP A 149 -21.28 -39.61 -15.82
N THR A 150 -22.34 -39.03 -16.36
CA THR A 150 -22.20 -37.96 -17.34
C THR A 150 -22.89 -36.66 -16.87
N PRO A 151 -22.41 -35.50 -17.33
CA PRO A 151 -23.05 -34.26 -16.93
C PRO A 151 -24.43 -34.08 -17.55
N ALA A 152 -25.20 -33.13 -17.03
CA ALA A 152 -26.38 -32.69 -17.74
C ALA A 152 -25.93 -32.19 -19.12
N ARG A 153 -26.81 -32.32 -20.09
CA ARG A 153 -26.64 -31.59 -21.34
C ARG A 153 -26.86 -30.14 -20.94
N GLY A 154 -25.87 -29.31 -21.21
CA GLY A 154 -25.90 -27.91 -20.77
C GLY A 154 -24.87 -27.56 -19.72
N SER A 155 -24.46 -28.53 -18.92
CA SER A 155 -23.55 -28.25 -17.81
C SER A 155 -22.24 -29.03 -18.02
N ALA A 156 -21.17 -28.55 -17.40
CA ALA A 156 -20.00 -29.40 -17.17
C ALA A 156 -20.26 -30.30 -15.95
N GLY A 157 -19.39 -31.28 -15.77
CA GLY A 157 -19.35 -32.12 -14.60
C GLY A 157 -17.91 -32.38 -14.27
N TYR A 158 -17.57 -32.50 -12.99
CA TYR A 158 -16.17 -32.67 -12.58
C TYR A 158 -15.99 -33.98 -11.83
N LEU A 159 -14.81 -34.58 -11.97
CA LEU A 159 -14.42 -35.80 -11.28
C LEU A 159 -13.13 -35.57 -10.52
N MET A 160 -13.10 -35.95 -9.24
CA MET A 160 -11.91 -35.76 -8.42
C MET A 160 -10.97 -36.95 -8.58
N VAL A 161 -9.83 -36.70 -9.21
CA VAL A 161 -8.84 -37.74 -9.45
C VAL A 161 -7.63 -37.72 -8.53
N GLY A 162 -7.52 -36.73 -7.66
CA GLY A 162 -6.43 -36.67 -6.68
C GLY A 162 -5.18 -36.05 -7.26
N SER A 163 -4.29 -36.88 -7.78
CA SER A 163 -2.95 -36.41 -8.13
C SER A 163 -2.96 -35.53 -9.38
N LYS A 164 -1.97 -34.66 -9.45
CA LYS A 164 -1.64 -33.97 -10.68
C LYS A 164 -1.40 -34.92 -11.86
N LEU A 165 -0.70 -36.03 -11.62
CA LEU A 165 -0.42 -37.01 -12.68
C LEU A 165 -1.71 -37.65 -13.14
N ASN A 166 -2.57 -38.00 -12.19
CA ASN A 166 -3.89 -38.49 -12.59
C ASN A 166 -4.68 -37.54 -13.48
N VAL A 167 -4.58 -36.24 -13.26
CA VAL A 167 -5.31 -35.32 -14.13
C VAL A 167 -4.84 -35.50 -15.57
N ALA A 168 -3.52 -35.57 -15.75
CA ALA A 168 -2.94 -35.72 -17.08
C ALA A 168 -3.29 -37.09 -17.64
N ALA A 169 -3.13 -38.12 -16.82
CA ALA A 169 -3.34 -39.51 -17.27
C ALA A 169 -4.81 -39.84 -17.58
N PHE A 170 -5.74 -39.32 -16.78
CA PHE A 170 -7.17 -39.55 -17.09
C PHE A 170 -7.56 -38.89 -18.39
N VAL A 171 -7.05 -37.69 -18.66
CA VAL A 171 -7.43 -36.99 -19.89
C VAL A 171 -6.70 -37.68 -21.04
N HIS A 172 -5.40 -38.00 -20.88
CA HIS A 172 -4.70 -38.63 -21.98
C HIS A 172 -5.40 -39.87 -22.43
N LYS A 173 -5.80 -40.70 -21.49
CA LYS A 173 -6.40 -41.98 -21.81
C LYS A 173 -7.89 -41.91 -22.12
N HIS A 174 -8.42 -40.76 -22.56
CA HIS A 174 -9.83 -40.64 -23.02
C HIS A 174 -10.88 -40.97 -21.93
N LEU A 175 -10.47 -40.99 -20.67
CA LEU A 175 -11.38 -41.25 -19.58
C LEU A 175 -12.16 -40.02 -19.14
N ILE A 176 -11.57 -38.83 -19.29
CA ILE A 176 -12.22 -37.55 -18.91
C ILE A 176 -11.80 -36.54 -19.99
N ASP A 177 -12.71 -35.63 -20.36
CA ASP A 177 -12.52 -34.75 -21.50
C ASP A 177 -11.49 -33.65 -21.23
N VAL A 178 -11.52 -33.03 -20.05
CA VAL A 178 -10.73 -31.82 -19.78
C VAL A 178 -10.05 -31.93 -18.46
N GLY A 179 -8.85 -31.35 -18.39
CA GLY A 179 -8.06 -31.33 -17.17
C GLY A 179 -7.68 -29.91 -16.81
N ALA A 180 -7.48 -29.68 -15.51
CA ALA A 180 -6.99 -28.42 -14.95
C ALA A 180 -5.69 -28.66 -14.22
N LEU A 181 -4.67 -27.89 -14.60
CA LEU A 181 -3.37 -27.84 -13.93
C LEU A 181 -2.84 -26.43 -13.97
N SER A 182 -1.85 -26.15 -13.11
CA SER A 182 -1.15 -24.86 -13.14
C SER A 182 -0.22 -24.72 -14.37
N ASN A 183 0.11 -23.51 -14.74
CA ASN A 183 1.12 -23.29 -15.80
C ASN A 183 2.51 -23.87 -15.46
N VAL A 184 2.83 -23.91 -14.16
CA VAL A 184 4.06 -24.51 -13.65
C VAL A 184 4.01 -26.02 -13.81
N ASP A 185 2.86 -26.59 -13.44
CA ASP A 185 2.60 -28.01 -13.61
C ASP A 185 2.76 -28.48 -15.03
N TRP A 186 2.43 -27.62 -15.99
CA TRP A 186 2.47 -27.93 -17.43
C TRP A 186 3.86 -28.23 -17.96
N ASP A 187 4.82 -27.44 -17.53
CA ASP A 187 6.22 -27.60 -17.92
C ASP A 187 6.99 -28.52 -16.95
N ASP A 188 6.30 -29.16 -15.99
CA ASP A 188 6.92 -30.09 -15.04
C ASP A 188 6.68 -31.53 -15.47
N GLU A 189 7.76 -32.22 -15.81
CA GLU A 189 7.68 -33.54 -16.46
C GLU A 189 7.12 -34.70 -15.61
N ARG A 190 7.28 -34.65 -14.29
CA ARG A 190 6.70 -35.70 -13.44
C ARG A 190 5.16 -35.67 -13.42
N HIS A 191 4.57 -34.49 -13.52
CA HIS A 191 3.10 -34.38 -13.56
C HIS A 191 2.49 -34.22 -14.95
N MET A 192 3.24 -33.68 -15.90
N MET A 192 3.25 -33.68 -15.89
CA MET A 192 2.81 -33.61 -17.29
CA MET A 192 2.85 -33.58 -17.29
C MET A 192 3.87 -34.28 -18.16
C MET A 192 3.91 -34.28 -18.14
N PRO A 193 3.88 -35.62 -18.18
CA PRO A 193 4.84 -36.39 -19.00
C PRO A 193 4.71 -35.99 -20.45
N PRO A 194 5.85 -35.69 -21.12
CA PRO A 194 5.88 -35.33 -22.54
C PRO A 194 5.11 -36.26 -23.46
N VAL A 195 5.14 -37.55 -23.15
CA VAL A 195 4.28 -38.54 -23.85
C VAL A 195 2.77 -38.23 -23.82
N PHE A 196 2.28 -37.62 -22.74
CA PHE A 196 0.89 -37.11 -22.71
C PHE A 196 0.75 -35.72 -23.31
N LYS A 197 1.61 -34.80 -22.86
CA LYS A 197 1.63 -33.40 -23.34
C LYS A 197 1.53 -33.21 -24.84
N ARG A 198 2.28 -33.99 -25.60
CA ARG A 198 2.25 -33.91 -27.06
C ARG A 198 0.86 -34.18 -27.61
N ASP A 199 0.01 -34.92 -26.87
CA ASP A 199 -1.39 -35.14 -27.28
C ASP A 199 -2.43 -34.13 -26.72
N PHE A 200 -1.95 -33.10 -26.01
CA PHE A 200 -2.80 -32.08 -25.44
C PHE A 200 -2.67 -30.73 -26.10
N ARG A 201 -3.74 -29.98 -26.00
CA ARG A 201 -3.84 -28.62 -26.46
C ARG A 201 -4.49 -27.82 -25.34
N ILE A 202 -4.04 -26.58 -25.16
CA ILE A 202 -4.58 -25.69 -24.11
C ILE A 202 -5.78 -24.97 -24.67
N VAL A 203 -6.87 -24.92 -23.92
CA VAL A 203 -8.11 -24.30 -24.39
C VAL A 203 -8.56 -23.09 -23.56
N HIS A 204 -7.95 -22.83 -22.41
CA HIS A 204 -8.30 -21.68 -21.53
C HIS A 204 -7.26 -21.43 -20.45
N ARG A 205 -7.06 -20.15 -20.12
CA ARG A 205 -6.16 -19.69 -19.07
C ARG A 205 -6.91 -18.78 -18.15
N THR A 206 -6.66 -18.92 -16.85
CA THR A 206 -7.21 -18.00 -15.85
C THR A 206 -6.23 -16.86 -15.68
N ALA A 207 -6.73 -15.79 -15.06
CA ALA A 207 -5.91 -14.70 -14.51
C ALA A 207 -4.97 -15.21 -13.43
N PRO A 208 -3.81 -14.55 -13.25
CA PRO A 208 -2.88 -15.11 -12.30
C PRO A 208 -3.21 -14.75 -10.86
N VAL A 209 -2.65 -15.50 -9.95
CA VAL A 209 -2.76 -15.15 -8.53
C VAL A 209 -1.37 -15.30 -7.97
N PRO A 210 -1.12 -14.69 -6.82
CA PRO A 210 0.17 -14.94 -6.21
C PRO A 210 0.37 -16.43 -5.96
N ARG A 211 1.63 -16.84 -6.08
CA ARG A 211 2.06 -18.24 -6.16
C ARG A 211 1.90 -19.00 -4.83
N ALA A 212 2.11 -18.31 -3.70
CA ALA A 212 2.20 -18.92 -2.35
C ALA A 212 2.37 -17.86 -1.28
N VAL A 213 2.14 -18.27 -0.02
CA VAL A 213 2.18 -17.38 1.12
C VAL A 213 2.54 -18.21 2.37
N GLU A 214 3.30 -17.61 3.27
CA GLU A 214 3.52 -18.15 4.60
C GLU A 214 2.40 -17.63 5.47
N MET A 215 1.68 -18.52 6.15
CA MET A 215 0.60 -18.15 7.04
C MET A 215 1.02 -18.57 8.46
N VAL A 216 0.59 -17.80 9.46
CA VAL A 216 0.87 -18.16 10.85
C VAL A 216 -0.43 -18.15 11.59
N ARG A 217 -0.45 -18.96 12.64
CA ARG A 217 -1.68 -19.14 13.40
C ARG A 217 -2.03 -17.84 14.13
N THR A 218 -3.34 -17.61 14.20
CA THR A 218 -3.94 -16.48 14.89
C THR A 218 -3.80 -16.78 16.40
N GLY A 219 -3.27 -15.83 17.16
CA GLY A 219 -2.82 -16.08 18.54
C GLY A 219 -1.31 -16.30 18.70
N MET A 220 -0.56 -16.48 17.62
CA MET A 220 0.89 -16.52 17.74
C MET A 220 1.36 -15.30 18.50
N ASP A 221 2.24 -15.48 19.46
CA ASP A 221 2.90 -14.38 20.15
C ASP A 221 3.59 -13.43 19.16
N PRO A 222 3.34 -12.11 19.25
CA PRO A 222 3.88 -11.17 18.26
C PRO A 222 5.41 -11.13 18.05
N ALA A 223 6.20 -11.38 19.09
CA ALA A 223 7.67 -11.38 18.96
C ALA A 223 8.16 -12.64 18.29
N VAL A 224 7.38 -13.71 18.39
CA VAL A 224 7.65 -14.94 17.64
C VAL A 224 7.32 -14.72 16.16
N GLU A 225 6.17 -14.09 15.90
CA GLU A 225 5.74 -13.77 14.57
C GLU A 225 6.77 -12.88 13.88
N GLN A 226 7.07 -11.75 14.53
CA GLN A 226 8.00 -10.73 14.02
C GLN A 226 9.37 -11.33 13.69
N ARG A 227 9.82 -12.24 14.54
CA ARG A 227 11.13 -12.85 14.38
C ARG A 227 11.15 -13.95 13.31
N LEU A 228 10.08 -14.75 13.23
CA LEU A 228 9.94 -15.69 12.10
C LEU A 228 9.98 -14.93 10.78
N ARG A 229 9.31 -13.77 10.74
CA ARG A 229 9.33 -12.92 9.54
C ARG A 229 10.71 -12.47 9.17
N VAL A 230 11.48 -12.00 10.17
CA VAL A 230 12.84 -11.52 9.95
C VAL A 230 13.76 -12.67 9.56
N VAL A 231 13.57 -13.87 10.12
CA VAL A 231 14.45 -15.01 9.81
C VAL A 231 14.23 -15.50 8.39
N LEU A 232 12.97 -15.57 7.97
CA LEU A 232 12.69 -16.00 6.60
C LEU A 232 13.14 -14.94 5.60
N LEU A 233 12.85 -13.67 5.87
CA LEU A 233 13.21 -12.59 4.93
C LEU A 233 14.72 -12.62 4.62
N GLN A 234 15.54 -12.91 5.61
CA GLN A 234 16.99 -12.92 5.37
C GLN A 234 17.51 -14.29 4.91
N ALA A 235 16.67 -15.31 4.92
CA ALA A 235 17.06 -16.62 4.46
C ALA A 235 17.45 -16.70 2.98
N ALA A 236 16.71 -16.05 2.09
CA ALA A 236 17.01 -16.08 0.64
C ALA A 236 18.49 -15.72 0.36
N SER A 237 18.97 -14.67 1.01
CA SER A 237 20.30 -14.19 0.76
C SER A 237 21.36 -14.89 1.60
N ASP A 238 20.98 -15.82 2.47
CA ASP A 238 21.96 -16.54 3.31
C ASP A 238 22.41 -17.80 2.60
N PRO A 239 23.72 -17.93 2.34
CA PRO A 239 24.24 -19.20 1.82
C PRO A 239 23.83 -20.44 2.63
N LYS A 240 23.83 -20.31 3.94
CA LYS A 240 23.52 -21.46 4.82
C LYS A 240 22.08 -21.96 4.61
N ALA A 241 21.18 -21.11 4.09
CA ALA A 241 19.77 -21.48 3.83
C ALA A 241 19.48 -21.99 2.40
N GLY A 242 20.47 -21.99 1.51
CA GLY A 242 20.26 -22.29 0.11
C GLY A 242 19.67 -23.68 -0.11
N PRO A 243 20.31 -24.69 0.46
CA PRO A 243 19.78 -26.04 0.22
C PRO A 243 18.38 -26.23 0.77
N ALA A 244 18.12 -25.65 1.94
CA ALA A 244 16.85 -25.84 2.60
C ALA A 244 15.74 -25.21 1.79
N LEU A 245 16.01 -24.01 1.27
CA LEU A 245 15.03 -23.30 0.43
C LEU A 245 14.74 -24.01 -0.90
N LYS A 246 15.72 -24.73 -1.43
CA LYS A 246 15.54 -25.57 -2.62
C LYS A 246 14.63 -26.71 -2.28
N ARG A 247 14.80 -27.27 -1.09
CA ARG A 247 13.98 -28.38 -0.58
C ARG A 247 12.53 -27.93 -0.26
N PHE A 248 12.40 -26.68 0.17
CA PHE A 248 11.14 -26.10 0.60
C PHE A 248 10.34 -25.68 -0.64
N PHE A 249 9.98 -26.65 -1.46
CA PHE A 249 9.18 -26.40 -2.67
C PHE A 249 9.86 -25.41 -3.63
N ASP A 250 11.19 -25.46 -3.69
CA ASP A 250 12.01 -24.57 -4.50
C ASP A 250 11.64 -23.11 -4.29
N THR A 251 11.69 -22.67 -3.04
CA THR A 251 11.37 -21.30 -2.70
C THR A 251 12.59 -20.45 -2.96
N THR A 252 12.37 -19.38 -3.73
CA THR A 252 13.43 -18.49 -4.19
C THR A 252 13.29 -17.08 -3.64
N GLY A 253 12.25 -16.82 -2.88
CA GLY A 253 12.11 -15.53 -2.24
C GLY A 253 10.90 -15.44 -1.33
N PHE A 254 11.00 -14.58 -0.33
CA PHE A 254 9.90 -14.16 0.51
C PHE A 254 9.85 -12.65 0.47
N ARG A 255 8.68 -12.06 0.61
CA ARG A 255 8.68 -10.62 0.69
C ARG A 255 7.52 -10.17 1.53
N PRO A 256 7.63 -8.96 2.11
CA PRO A 256 6.56 -8.54 3.01
C PRO A 256 5.30 -8.33 2.26
N LEU A 257 4.18 -8.21 2.95
CA LEU A 257 2.95 -7.84 2.30
C LEU A 257 2.91 -6.35 2.01
N ASP A 258 2.22 -5.98 0.94
CA ASP A 258 2.08 -4.59 0.49
C ASP A 258 0.63 -4.33 0.10
N PRO A 259 0.29 -3.11 -0.31
CA PRO A 259 -1.14 -2.93 -0.59
C PRO A 259 -1.66 -3.81 -1.73
N THR A 260 -0.82 -4.11 -2.73
CA THR A 260 -1.19 -4.89 -3.88
C THR A 260 -1.46 -6.36 -3.54
N SER A 261 -0.48 -7.03 -2.92
CA SER A 261 -0.64 -8.42 -2.50
C SER A 261 -1.75 -8.57 -1.47
N ARG A 262 -1.93 -7.58 -0.60
CA ARG A 262 -3.09 -7.56 0.29
C ARG A 262 -4.41 -7.52 -0.49
N ARG A 263 -4.51 -6.65 -1.50
CA ARG A 263 -5.74 -6.55 -2.30
C ARG A 263 -5.97 -7.85 -3.07
N ARG A 264 -4.96 -8.31 -3.76
CA ARG A 264 -5.11 -9.52 -4.53
C ARG A 264 -5.53 -10.74 -3.68
N LEU A 265 -5.06 -10.87 -2.45
CA LEU A 265 -5.53 -11.95 -1.58
C LEU A 265 -6.99 -11.72 -1.16
N GLN A 266 -7.40 -10.46 -0.99
CA GLN A 266 -8.82 -10.17 -0.70
C GLN A 266 -9.76 -10.57 -1.87
N GLU A 267 -9.32 -10.27 -3.07
CA GLU A 267 -10.00 -10.71 -4.29
C GLU A 267 -10.06 -12.22 -4.41
N LEU A 268 -8.90 -12.88 -4.26
CA LEU A 268 -8.83 -14.34 -4.32
C LEU A 268 -9.66 -14.96 -3.19
N SER A 269 -9.62 -14.39 -1.98
CA SER A 269 -10.47 -14.87 -0.91
C SER A 269 -11.95 -14.72 -1.23
N ALA A 270 -12.34 -13.60 -1.85
CA ALA A 270 -13.73 -13.45 -2.27
C ALA A 270 -14.13 -14.61 -3.21
N GLY A 271 -13.29 -14.88 -4.21
CA GLY A 271 -13.52 -15.96 -5.17
C GLY A 271 -13.55 -17.32 -4.55
N VAL A 272 -12.62 -17.60 -3.66
CA VAL A 272 -12.61 -18.88 -2.94
C VAL A 272 -13.89 -19.11 -2.17
N GLN A 273 -14.34 -18.07 -1.44
CA GLN A 273 -15.61 -18.13 -0.69
C GLN A 273 -16.81 -18.39 -1.60
N ARG A 274 -16.85 -17.72 -2.73
CA ARG A 274 -17.82 -18.00 -3.77
C ARG A 274 -17.73 -19.46 -4.27
N VAL A 275 -16.53 -20.00 -4.46
CA VAL A 275 -16.45 -21.40 -4.83
C VAL A 275 -17.08 -22.22 -3.71
N ARG A 276 -16.77 -21.85 -2.47
CA ARG A 276 -17.23 -22.67 -1.34
C ARG A 276 -18.70 -22.51 -1.13
N ASP A 277 -19.21 -21.31 -1.36
CA ASP A 277 -20.66 -21.04 -1.25
C ASP A 277 -21.46 -21.91 -2.21
N HIS A 278 -20.90 -22.22 -3.39
CA HIS A 278 -21.62 -22.96 -4.43
C HIS A 278 -21.26 -24.44 -4.53
N VAL A 279 -20.37 -24.98 -3.68
CA VAL A 279 -19.90 -26.39 -3.78
C VAL A 279 -19.77 -27.08 -2.42
N SER B 2 -6.01 48.76 18.21
CA SER B 2 -5.50 47.76 19.19
C SER B 2 -4.00 47.82 19.35
N SER B 3 -3.57 47.94 20.60
CA SER B 3 -2.18 48.06 20.96
C SER B 3 -1.41 46.73 20.98
N VAL B 4 -2.11 45.61 20.79
CA VAL B 4 -1.45 44.30 20.68
C VAL B 4 -1.35 43.78 19.22
N LEU B 5 -0.17 43.33 18.85
CA LEU B 5 0.04 42.68 17.56
C LEU B 5 0.20 41.20 17.81
N VAL B 6 -0.69 40.39 17.21
CA VAL B 6 -0.70 38.95 17.41
C VAL B 6 -0.23 38.21 16.15
N LEU B 7 0.93 37.57 16.28
CA LEU B 7 1.50 36.77 15.23
C LEU B 7 1.04 35.34 15.49
N GLY B 8 0.59 34.65 14.45
CA GLY B 8 0.09 33.30 14.60
C GLY B 8 0.71 32.30 13.66
N ARG B 9 0.61 31.04 14.05
CA ARG B 9 0.87 29.95 13.12
C ARG B 9 0.04 28.69 13.38
N ILE B 10 -0.30 28.01 12.29
CA ILE B 10 -0.95 26.71 12.31
C ILE B 10 0.07 25.61 12.58
N SER B 11 -0.14 24.76 13.59
CA SER B 11 0.75 23.59 13.82
C SER B 11 0.13 22.44 14.63
N SER B 16 5.51 25.23 21.02
CA SER B 16 6.71 24.54 20.56
C SER B 16 7.37 25.31 19.41
N HIS B 17 6.60 25.54 18.35
CA HIS B 17 6.90 26.56 17.31
C HIS B 17 7.16 27.96 17.88
N TYR B 18 6.68 28.20 19.10
CA TYR B 18 6.95 29.45 19.88
C TYR B 18 8.32 30.16 19.69
N GLU B 19 9.38 29.38 19.68
CA GLU B 19 10.76 29.86 19.59
C GLU B 19 11.09 30.30 18.20
N GLN B 20 10.40 29.74 17.22
CA GLN B 20 10.52 30.21 15.85
C GLN B 20 9.91 31.61 15.58
N LEU B 21 8.82 31.95 16.27
CA LEU B 21 8.05 33.18 16.04
C LEU B 21 8.46 34.38 16.91
N LYS B 22 9.01 34.16 18.11
CA LYS B 22 9.27 35.24 19.07
C LYS B 22 10.34 36.24 18.69
N PRO B 23 11.48 35.79 18.17
CA PRO B 23 12.53 36.75 17.81
C PRO B 23 12.12 37.77 16.74
N LEU B 24 11.51 37.28 15.66
CA LEU B 24 10.97 38.16 14.64
C LEU B 24 9.92 39.10 15.19
N LEU B 25 9.05 38.60 16.06
CA LEU B 25 8.03 39.44 16.67
C LEU B 25 8.60 40.55 17.53
N ASP B 26 9.64 40.23 18.29
CA ASP B 26 10.37 41.22 19.09
C ASP B 26 11.10 42.28 18.26
N TYR B 27 11.47 41.91 17.04
CA TYR B 27 11.99 42.87 16.07
C TYR B 27 10.89 43.76 15.53
N VAL B 28 9.80 43.15 15.08
CA VAL B 28 8.69 43.88 14.44
C VAL B 28 7.98 44.88 15.36
N VAL B 29 7.65 44.45 16.59
CA VAL B 29 6.76 45.21 17.50
C VAL B 29 7.23 46.63 17.80
N PRO B 30 8.50 46.82 18.23
CA PRO B 30 8.96 48.21 18.49
C PRO B 30 8.88 49.08 17.24
N ARG B 31 9.08 48.49 16.07
CA ARG B 31 8.98 49.20 14.80
C ARG B 31 7.55 49.51 14.37
N MET B 32 6.57 49.13 15.17
CA MET B 32 5.16 49.38 14.88
C MET B 32 4.62 50.42 15.86
N ARG B 33 5.51 51.12 16.57
CA ARG B 33 5.03 51.98 17.65
C ARG B 33 4.28 53.18 17.11
N GLU B 34 4.69 53.67 15.94
CA GLU B 34 4.04 54.84 15.36
C GLU B 34 2.57 54.55 14.96
N VAL B 35 2.21 53.29 14.74
CA VAL B 35 0.84 52.96 14.41
C VAL B 35 0.06 52.34 15.56
N GLY B 36 0.49 52.61 16.79
CA GLY B 36 -0.25 52.26 17.99
C GLY B 36 0.08 50.94 18.66
N ILE B 37 1.00 50.16 18.12
CA ILE B 37 1.36 48.88 18.72
C ILE B 37 2.33 49.10 19.88
N ARG B 38 1.94 48.59 21.06
CA ARG B 38 2.75 48.61 22.29
C ARG B 38 3.47 47.26 22.51
N ARG B 39 2.83 46.15 22.18
CA ARG B 39 3.42 44.83 22.42
C ARG B 39 2.91 43.74 21.45
N GLY B 40 3.55 42.57 21.54
CA GLY B 40 3.19 41.41 20.74
C GLY B 40 2.83 40.16 21.55
N GLU B 41 1.96 39.33 20.98
CA GLU B 41 1.70 38.00 21.47
C GLU B 41 1.76 36.97 20.33
N ILE B 42 1.85 35.70 20.72
CA ILE B 42 1.90 34.58 19.81
C ILE B 42 0.65 33.76 20.13
N LEU B 43 -0.03 33.28 19.11
CA LEU B 43 -1.20 32.40 19.31
C LEU B 43 -1.16 31.36 18.20
N MET B 44 -1.18 30.09 18.56
CA MET B 44 -1.23 29.08 17.50
C MET B 44 -2.57 28.37 17.44
N ALA B 45 -2.88 27.82 16.27
CA ALA B 45 -4.08 27.03 16.10
C ALA B 45 -3.67 25.73 15.44
N PRO B 46 -4.39 24.63 15.73
CA PRO B 46 -4.01 23.34 15.20
C PRO B 46 -4.31 23.16 13.71
N ASP B 47 -5.24 23.93 13.12
CA ASP B 47 -5.53 23.79 11.71
C ASP B 47 -5.96 25.11 11.05
N ALA B 48 -6.18 25.10 9.75
CA ALA B 48 -6.52 26.33 9.03
C ALA B 48 -7.87 26.88 9.47
N ARG B 49 -8.80 25.96 9.63
CA ARG B 49 -10.16 26.28 9.99
C ARG B 49 -10.23 27.05 11.31
N GLN B 50 -9.51 26.55 12.29
CA GLN B 50 -9.53 27.18 13.59
C GLN B 50 -8.75 28.46 13.58
N MET B 51 -7.61 28.48 12.90
CA MET B 51 -6.91 29.74 12.68
C MET B 51 -7.78 30.80 12.01
N SER B 52 -8.59 30.39 11.04
CA SER B 52 -9.53 31.29 10.40
C SER B 52 -10.50 31.92 11.43
N SER B 53 -10.93 31.13 12.43
CA SER B 53 -11.78 31.60 13.52
C SER B 53 -11.12 32.73 14.32
N TYR B 54 -9.88 32.48 14.72
CA TYR B 54 -9.02 33.49 15.35
C TYR B 54 -8.93 34.77 14.51
N LEU B 55 -8.61 34.64 13.22
CA LEU B 55 -8.44 35.82 12.32
C LEU B 55 -9.73 36.63 12.17
N ARG B 56 -10.82 35.94 11.85
CA ARG B 56 -12.13 36.54 11.74
C ARG B 56 -12.60 37.21 13.08
N ARG B 57 -12.18 36.70 14.24
CA ARG B 57 -12.51 37.30 15.53
C ARG B 57 -11.51 38.37 16.00
N GLY B 58 -10.50 38.67 15.20
CA GLY B 58 -9.49 39.65 15.56
C GLY B 58 -8.52 39.15 16.62
N ARG B 59 -8.41 37.85 16.86
CA ARG B 59 -7.48 37.38 17.88
C ARG B 59 -6.08 37.13 17.33
N VAL B 60 -5.97 36.96 16.01
CA VAL B 60 -4.68 36.86 15.39
C VAL B 60 -4.69 37.90 14.30
N ASP B 61 -3.55 38.55 14.10
CA ASP B 61 -3.40 39.63 13.12
C ASP B 61 -2.64 39.25 11.87
N TRP B 62 -1.66 38.36 12.02
CA TRP B 62 -0.74 38.04 10.95
C TRP B 62 -0.23 36.61 11.12
N VAL B 63 -0.14 35.90 10.00
CA VAL B 63 0.43 34.57 9.95
C VAL B 63 1.33 34.42 8.70
N SER B 64 2.46 33.74 8.83
CA SER B 64 3.26 33.34 7.66
C SER B 64 2.85 31.92 7.34
N GLU B 65 2.45 31.63 6.11
CA GLU B 65 1.99 30.30 5.75
C GLU B 65 2.43 29.93 4.38
N THR B 66 2.41 28.63 4.09
CA THR B 66 2.52 28.14 2.72
C THR B 66 1.25 28.53 2.00
N THR B 67 1.33 28.61 0.69
CA THR B 67 0.30 29.28 -0.07
C THR B 67 -1.05 28.58 -0.12
N GLY B 68 -1.05 27.25 -0.01
CA GLY B 68 -2.31 26.52 -0.07
C GLY B 68 -3.11 26.73 1.20
N ALA B 69 -2.41 26.53 2.32
CA ALA B 69 -2.93 26.85 3.65
C ALA B 69 -3.45 28.31 3.70
N ALA B 70 -2.69 29.24 3.12
CA ALA B 70 -3.12 30.65 3.05
C ALA B 70 -4.43 30.81 2.28
N MET B 71 -4.55 30.12 1.16
CA MET B 71 -5.82 30.23 0.42
C MET B 71 -6.98 29.64 1.20
N LEU B 72 -6.79 28.60 2.02
CA LEU B 72 -7.87 28.13 2.89
C LEU B 72 -8.33 29.29 3.79
N LEU B 73 -7.39 30.12 4.28
CA LEU B 73 -7.71 31.27 5.14
C LEU B 73 -8.44 32.35 4.35
N GLU B 74 -7.94 32.68 3.16
CA GLU B 74 -8.58 33.71 2.30
C GLU B 74 -10.01 33.28 1.90
N GLN B 75 -10.15 32.03 1.49
CA GLN B 75 -11.44 31.45 1.15
C GLN B 75 -12.50 31.57 2.23
N ARG B 76 -12.09 31.46 3.49
CA ARG B 76 -13.02 31.69 4.62
C ARG B 76 -13.32 33.17 4.95
N GLY B 77 -12.85 34.10 4.11
CA GLY B 77 -13.03 35.53 4.34
C GLY B 77 -12.24 36.11 5.51
N SER B 78 -11.25 35.39 6.03
CA SER B 78 -10.57 35.78 7.28
C SER B 78 -9.27 36.57 7.11
N ALA B 79 -8.69 36.60 5.90
CA ALA B 79 -7.35 37.16 5.70
C ALA B 79 -6.98 37.36 4.25
N HIS B 80 -6.00 38.22 4.01
CA HIS B 80 -5.57 38.51 2.65
C HIS B 80 -4.05 38.67 2.63
N PRO B 81 -3.41 38.50 1.46
CA PRO B 81 -1.95 38.64 1.45
C PRO B 81 -1.45 40.04 1.65
N LEU B 82 -0.23 40.09 2.17
CA LEU B 82 0.54 41.28 2.45
C LEU B 82 1.82 41.25 1.62
N LEU B 83 2.58 40.16 1.72
CA LEU B 83 3.89 40.00 1.05
C LEU B 83 4.09 38.56 0.67
N MET B 84 4.80 38.35 -0.43
CA MET B 84 5.25 36.99 -0.82
C MET B 84 6.52 36.70 -0.08
N THR B 85 6.70 35.44 0.27
CA THR B 85 7.72 35.05 1.20
C THR B 85 8.61 34.00 0.61
N GLU B 86 9.88 34.19 0.84
CA GLU B 86 10.92 33.32 0.35
C GLU B 86 11.50 32.54 1.56
N ARG B 87 11.65 31.22 1.40
CA ARG B 87 12.20 30.38 2.49
C ARG B 87 13.30 29.46 1.95
N GLY B 88 14.36 29.32 2.73
CA GLY B 88 15.55 28.59 2.32
C GLY B 88 16.07 29.02 0.96
N GLY B 89 15.96 30.30 0.65
CA GLY B 89 16.35 30.80 -0.65
C GLY B 89 15.47 30.40 -1.81
N LEU B 90 14.26 29.92 -1.58
CA LEU B 90 13.38 29.47 -2.66
C LEU B 90 12.12 30.24 -2.61
N ARG B 91 11.71 30.71 -3.78
CA ARG B 91 10.47 31.45 -3.94
C ARG B 91 9.32 30.51 -4.23
N ASP B 92 9.61 29.34 -4.80
CA ASP B 92 8.58 28.35 -5.13
C ASP B 92 8.84 27.01 -4.49
N PHE B 93 7.84 26.16 -4.54
CA PHE B 93 8.04 24.73 -4.35
C PHE B 93 6.94 23.98 -5.09
N HIS B 94 7.09 22.67 -5.15
CA HIS B 94 6.07 21.79 -5.69
C HIS B 94 6.00 20.51 -4.85
N THR B 95 5.02 19.67 -5.17
CA THR B 95 4.80 18.43 -4.48
C THR B 95 5.38 17.35 -5.35
N LEU B 96 5.96 16.35 -4.71
CA LEU B 96 6.36 15.16 -5.44
C LEU B 96 5.76 13.91 -4.84
N PHE B 97 5.38 13.00 -5.72
CA PHE B 97 4.87 11.72 -5.34
C PHE B 97 6.01 10.73 -5.43
N PHE B 98 6.34 10.05 -4.34
CA PHE B 98 7.46 9.08 -4.36
C PHE B 98 7.03 7.71 -3.91
N VAL B 99 7.78 6.70 -4.38
CA VAL B 99 7.55 5.30 -4.05
C VAL B 99 8.83 4.55 -3.68
N ARG B 100 8.68 3.37 -3.10
CA ARG B 100 9.85 2.49 -3.00
C ARG B 100 10.37 2.22 -4.41
N ARG B 101 11.66 2.13 -4.58
CA ARG B 101 12.27 1.86 -5.89
C ARG B 101 11.78 0.60 -6.54
N ASP B 102 11.60 -0.46 -5.77
CA ASP B 102 11.02 -1.71 -6.28
C ASP B 102 9.49 -1.74 -6.49
N SER B 103 8.79 -0.62 -6.25
CA SER B 103 7.34 -0.48 -6.58
C SER B 103 7.04 -0.69 -8.06
N PRO B 104 5.90 -1.28 -8.39
CA PRO B 104 5.51 -1.31 -9.80
C PRO B 104 5.06 0.06 -10.37
N ILE B 105 4.85 1.05 -9.51
CA ILE B 105 4.36 2.34 -9.96
C ILE B 105 5.48 3.19 -10.60
N HIS B 106 5.22 3.67 -11.82
CA HIS B 106 6.11 4.55 -12.58
C HIS B 106 5.48 5.90 -13.02
N SER B 107 4.20 6.13 -12.71
CA SER B 107 3.53 7.37 -13.12
C SER B 107 2.28 7.59 -12.31
N LEU B 108 1.78 8.82 -12.34
CA LEU B 108 0.60 9.16 -11.53
C LEU B 108 -0.61 8.30 -11.90
N SER B 109 -0.78 7.97 -13.18
CA SER B 109 -1.97 7.20 -13.63
C SER B 109 -2.13 5.84 -12.88
N GLN B 110 -1.01 5.26 -12.48
CA GLN B 110 -1.00 3.99 -11.80
C GLN B 110 -1.38 4.03 -10.30
N LEU B 111 -1.74 5.18 -9.76
CA LEU B 111 -2.21 5.26 -8.35
C LEU B 111 -3.55 4.64 -8.14
N ARG B 112 -4.29 4.34 -9.19
CA ARG B 112 -5.58 3.65 -9.00
C ARG B 112 -5.28 2.24 -8.50
N GLY B 113 -6.00 1.86 -7.46
CA GLY B 113 -5.77 0.60 -6.76
C GLY B 113 -4.56 0.69 -5.87
N HIS B 114 -4.09 1.89 -5.55
CA HIS B 114 -2.94 2.05 -4.68
C HIS B 114 -3.20 3.14 -3.67
N THR B 115 -2.32 3.23 -2.68
CA THR B 115 -2.54 4.05 -1.53
C THR B 115 -1.49 5.13 -1.43
N LEU B 116 -1.89 6.23 -0.81
CA LEU B 116 -1.10 7.44 -0.78
C LEU B 116 -1.14 8.03 0.64
N ALA B 117 0.03 8.36 1.17
CA ALA B 117 0.18 8.88 2.53
C ALA B 117 0.29 10.38 2.46
N LEU B 118 -0.60 11.05 3.17
CA LEU B 118 -0.67 12.49 3.15
C LEU B 118 -0.40 13.01 4.56
N GLN B 119 -0.13 14.30 4.68
CA GLN B 119 0.33 14.84 5.95
C GLN B 119 -0.88 15.24 6.78
N ASN B 120 -1.34 16.48 6.64
CA ASN B 120 -2.54 16.99 7.33
C ASN B 120 -3.39 17.87 6.40
N ALA B 121 -4.64 18.12 6.80
CA ALA B 121 -5.63 18.81 5.97
C ALA B 121 -5.28 20.30 5.70
N SER B 122 -4.32 20.82 6.44
CA SER B 122 -3.80 22.20 6.29
C SER B 122 -2.45 22.29 5.60
N SER B 123 -1.97 21.15 5.10
CA SER B 123 -0.70 21.11 4.43
C SER B 123 -0.84 21.47 2.94
N THR B 124 -0.02 22.40 2.50
CA THR B 124 0.06 22.69 1.08
C THR B 124 0.69 21.52 0.36
N SER B 125 1.96 21.25 0.63
CA SER B 125 2.70 20.26 -0.15
C SER B 125 2.37 18.79 0.21
N GLY B 126 1.70 18.57 1.33
CA GLY B 126 1.38 17.22 1.77
C GLY B 126 -0.08 16.88 1.79
N TYR B 127 -0.92 17.78 1.25
CA TYR B 127 -2.35 17.48 1.13
C TYR B 127 -3.01 18.17 -0.06
N LEU B 128 -2.99 19.49 -0.09
CA LEU B 128 -3.78 20.23 -1.07
C LEU B 128 -3.24 20.06 -2.49
N LEU B 129 -1.94 20.24 -2.69
CA LEU B 129 -1.35 20.03 -4.00
C LEU B 129 -1.54 18.60 -4.53
N PRO B 130 -1.20 17.59 -3.71
CA PRO B 130 -1.40 16.22 -4.22
C PRO B 130 -2.85 15.87 -4.46
N MET B 131 -3.76 16.31 -3.62
CA MET B 131 -5.21 16.05 -3.87
C MET B 131 -5.67 16.77 -5.14
N LEU B 132 -5.35 18.05 -5.27
CA LEU B 132 -5.62 18.79 -6.50
C LEU B 132 -5.02 18.07 -7.74
N GLU B 133 -3.78 17.60 -7.65
CA GLU B 133 -3.19 16.83 -8.77
C GLU B 133 -4.04 15.58 -9.17
N LEU B 134 -4.47 14.82 -8.17
CA LEU B 134 -5.34 13.67 -8.41
C LEU B 134 -6.65 14.08 -9.11
N LEU B 135 -7.25 15.17 -8.66
CA LEU B 135 -8.47 15.69 -9.31
C LEU B 135 -8.26 16.07 -10.75
N ARG B 136 -7.17 16.77 -11.04
CA ARG B 136 -6.84 17.15 -12.40
C ARG B 136 -6.65 15.99 -13.33
N ASN B 137 -6.14 14.85 -12.85
CA ASN B 137 -5.99 13.69 -13.72
C ASN B 137 -7.11 12.69 -13.51
N GLY B 138 -8.26 13.14 -13.01
CA GLY B 138 -9.46 12.29 -13.00
C GLY B 138 -9.37 11.02 -12.18
N ILE B 139 -8.59 11.07 -11.11
CA ILE B 139 -8.35 9.92 -10.24
C ILE B 139 -9.07 10.22 -8.95
N ALA B 140 -10.16 9.50 -8.75
CA ALA B 140 -10.86 9.53 -7.51
C ALA B 140 -9.97 8.88 -6.45
N CYS B 141 -10.15 9.28 -5.20
CA CYS B 141 -9.43 8.64 -4.12
C CYS B 141 -10.18 8.74 -2.80
N ASP B 142 -10.31 7.59 -2.14
CA ASP B 142 -11.14 7.47 -0.94
C ASP B 142 -10.25 7.49 0.32
N VAL B 143 -10.76 8.04 1.43
CA VAL B 143 -10.04 8.00 2.71
C VAL B 143 -9.98 6.57 3.24
N LEU B 144 -8.85 6.21 3.86
CA LEU B 144 -8.66 4.86 4.37
C LEU B 144 -8.45 5.00 5.86
N LEU B 145 -9.03 4.10 6.65
CA LEU B 145 -8.83 4.13 8.09
C LEU B 145 -7.40 3.82 8.45
N SER B 146 -6.79 2.88 7.72
CA SER B 146 -5.48 2.34 8.09
C SER B 146 -4.83 1.63 6.93
N ALA B 147 -3.58 1.27 7.11
CA ALA B 147 -2.90 0.50 6.09
C ALA B 147 -3.57 -0.88 5.75
N ASP B 148 -4.52 -1.37 6.55
CA ASP B 148 -5.26 -2.62 6.22
C ASP B 148 -6.54 -2.34 5.45
N ASP B 149 -6.93 -1.09 5.37
CA ASP B 149 -8.13 -0.71 4.67
C ASP B 149 -7.71 -0.57 3.21
N THR B 150 -8.12 -1.55 2.42
CA THR B 150 -7.85 -1.60 0.98
C THR B 150 -8.62 -0.57 0.09
N PRO B 151 -7.93 0.01 -0.92
CA PRO B 151 -8.63 0.91 -1.85
C PRO B 151 -9.48 0.14 -2.84
N ALA B 152 -10.48 0.82 -3.38
CA ALA B 152 -11.18 0.27 -4.54
C ALA B 152 -10.23 0.18 -5.76
N ARG B 153 -10.47 -0.84 -6.60
CA ARG B 153 -9.78 -1.01 -7.89
C ARG B 153 -9.69 0.22 -8.74
N GLY B 154 -10.83 0.90 -8.84
CA GLY B 154 -10.97 2.04 -9.73
C GLY B 154 -10.35 3.30 -9.20
N SER B 155 -10.10 3.37 -7.90
CA SER B 155 -9.74 4.62 -7.26
C SER B 155 -8.41 4.48 -6.50
N ALA B 156 -7.81 5.63 -6.19
CA ALA B 156 -6.75 5.74 -5.20
C ALA B 156 -7.38 5.73 -3.80
N GLY B 157 -6.59 5.34 -2.83
CA GLY B 157 -6.93 5.60 -1.43
C GLY B 157 -5.88 6.47 -0.78
N TYR B 158 -6.30 7.30 0.17
CA TYR B 158 -5.37 8.11 0.94
C TYR B 158 -5.50 7.89 2.43
N LEU B 159 -4.37 7.99 3.11
CA LEU B 159 -4.30 7.88 4.53
C LEU B 159 -3.63 9.16 5.09
N MET B 160 -4.23 9.74 6.12
CA MET B 160 -3.66 10.90 6.82
C MET B 160 -2.76 10.36 7.91
N VAL B 161 -1.45 10.50 7.75
CA VAL B 161 -0.47 9.90 8.66
C VAL B 161 0.33 10.93 9.49
N GLY B 162 0.19 12.22 9.20
CA GLY B 162 0.77 13.26 10.05
C GLY B 162 2.12 13.73 9.56
N SER B 163 3.19 13.33 10.23
CA SER B 163 4.47 13.97 9.96
C SER B 163 5.08 13.53 8.64
N LYS B 164 6.05 14.32 8.21
CA LYS B 164 6.84 14.00 7.02
C LYS B 164 7.62 12.69 7.19
N LEU B 165 8.17 12.46 8.39
CA LEU B 165 8.81 11.18 8.69
C LEU B 165 7.81 10.00 8.54
N ASN B 166 6.56 10.17 8.95
CA ASN B 166 5.56 9.09 8.81
C ASN B 166 5.22 8.74 7.37
N VAL B 167 5.14 9.76 6.53
CA VAL B 167 4.92 9.58 5.09
C VAL B 167 5.99 8.67 4.54
N ALA B 168 7.24 9.00 4.85
CA ALA B 168 8.38 8.18 4.41
C ALA B 168 8.39 6.76 5.06
N ALA B 169 8.20 6.73 6.38
CA ALA B 169 8.13 5.47 7.15
C ALA B 169 7.11 4.51 6.59
N PHE B 170 5.88 4.99 6.41
CA PHE B 170 4.79 4.13 5.91
C PHE B 170 5.12 3.60 4.51
N VAL B 171 5.72 4.43 3.66
CA VAL B 171 6.04 4.00 2.31
C VAL B 171 7.19 3.02 2.37
N HIS B 172 8.22 3.35 3.16
CA HIS B 172 9.41 2.51 3.25
C HIS B 172 9.05 1.12 3.75
N LYS B 173 8.07 1.01 4.64
CA LYS B 173 7.73 -0.29 5.23
C LYS B 173 6.68 -1.10 4.44
N HIS B 174 6.44 -0.75 3.17
CA HIS B 174 5.43 -1.39 2.35
C HIS B 174 4.01 -1.24 2.85
N LEU B 175 3.73 -0.30 3.74
CA LEU B 175 2.37 -0.17 4.31
C LEU B 175 1.46 0.68 3.41
N ILE B 176 2.06 1.66 2.74
CA ILE B 176 1.43 2.55 1.79
C ILE B 176 2.32 2.60 0.54
N ASP B 177 1.72 2.81 -0.64
CA ASP B 177 2.46 2.78 -1.92
C ASP B 177 3.24 4.04 -2.27
N VAL B 178 2.60 5.19 -2.05
CA VAL B 178 3.12 6.48 -2.53
C VAL B 178 3.06 7.49 -1.42
N GLY B 179 4.09 8.31 -1.31
CA GLY B 179 4.07 9.41 -0.39
C GLY B 179 4.04 10.74 -1.12
N ALA B 180 3.55 11.76 -0.43
CA ALA B 180 3.63 13.12 -0.89
C ALA B 180 4.52 13.94 0.03
N LEU B 181 5.50 14.60 -0.55
CA LEU B 181 6.34 15.58 0.15
C LEU B 181 6.66 16.70 -0.83
N SER B 182 7.23 17.79 -0.34
CA SER B 182 7.69 18.85 -1.23
C SER B 182 9.07 18.48 -1.79
N ASN B 183 9.40 19.05 -2.92
CA ASN B 183 10.77 18.97 -3.44
C ASN B 183 11.83 19.46 -2.43
N VAL B 184 11.43 20.44 -1.64
CA VAL B 184 12.28 21.03 -0.61
C VAL B 184 12.57 19.96 0.47
N ASP B 185 11.51 19.38 1.03
CA ASP B 185 11.66 18.20 1.93
C ASP B 185 12.62 17.12 1.37
N TRP B 186 12.48 16.80 0.09
CA TRP B 186 13.30 15.74 -0.57
C TRP B 186 14.83 16.02 -0.46
N ASP B 187 15.19 17.30 -0.55
CA ASP B 187 16.58 17.73 -0.40
C ASP B 187 16.91 18.15 1.01
N ASP B 188 15.91 18.24 1.88
CA ASP B 188 16.15 18.46 3.30
C ASP B 188 16.59 17.14 3.95
N GLU B 189 17.90 16.99 4.15
CA GLU B 189 18.44 15.82 4.85
C GLU B 189 17.92 15.69 6.30
N ARG B 190 17.22 16.69 6.81
CA ARG B 190 16.60 16.64 8.13
C ARG B 190 15.36 15.71 8.17
N HIS B 191 14.41 15.85 7.24
CA HIS B 191 13.21 14.98 7.22
C HIS B 191 13.22 13.99 6.04
N MET B 192 14.40 13.85 5.42
CA MET B 192 14.63 12.91 4.34
C MET B 192 16.13 12.63 4.20
N PRO B 193 16.72 12.00 5.26
CA PRO B 193 18.16 11.72 5.28
C PRO B 193 18.45 10.70 4.19
N PRO B 194 19.69 10.66 3.64
CA PRO B 194 20.03 9.71 2.54
C PRO B 194 19.62 8.24 2.69
N VAL B 195 19.23 7.80 3.88
CA VAL B 195 19.06 6.39 4.15
C VAL B 195 17.67 5.75 4.21
N PHE B 196 16.53 6.46 4.14
CA PHE B 196 15.86 6.72 2.87
C PHE B 196 16.19 7.88 2.00
N LYS B 197 15.64 7.80 0.81
CA LYS B 197 15.85 8.71 -0.30
C LYS B 197 16.46 7.75 -1.26
N ARG B 198 17.57 7.15 -0.88
CA ARG B 198 18.19 6.13 -1.74
C ARG B 198 17.24 4.97 -2.07
N ASP B 199 16.35 4.63 -1.15
CA ASP B 199 15.38 3.54 -1.38
C ASP B 199 14.11 3.98 -2.05
N PHE B 200 13.98 5.29 -2.36
CA PHE B 200 12.82 5.85 -3.03
C PHE B 200 13.12 6.38 -4.41
N ARG B 201 12.06 6.60 -5.17
CA ARG B 201 12.15 7.36 -6.40
C ARG B 201 10.84 8.10 -6.69
N ILE B 202 11.00 9.20 -7.39
CA ILE B 202 9.92 10.10 -7.68
C ILE B 202 9.16 9.61 -8.90
N VAL B 203 7.83 9.59 -8.85
CA VAL B 203 7.03 9.16 -10.00
C VAL B 203 6.20 10.27 -10.60
N HIS B 204 6.10 11.43 -9.92
CA HIS B 204 5.34 12.57 -10.43
C HIS B 204 5.72 13.83 -9.64
N ARG B 205 5.74 14.95 -10.34
CA ARG B 205 5.89 16.27 -9.75
C ARG B 205 4.69 17.11 -10.14
N THR B 206 4.11 17.87 -9.19
CA THR B 206 3.09 18.87 -9.54
C THR B 206 3.78 20.10 -10.13
N ALA B 207 2.98 20.96 -10.75
CA ALA B 207 3.46 22.29 -11.10
C ALA B 207 3.82 23.05 -9.81
N PRO B 208 4.75 23.99 -9.93
CA PRO B 208 5.20 24.72 -8.74
C PRO B 208 4.20 25.80 -8.30
N VAL B 209 4.21 26.19 -7.04
CA VAL B 209 3.39 27.33 -6.59
C VAL B 209 4.29 28.20 -5.80
N PRO B 210 3.86 29.44 -5.48
CA PRO B 210 4.77 30.19 -4.60
C PRO B 210 4.93 29.50 -3.22
N ARG B 211 6.11 29.72 -2.62
CA ARG B 211 6.56 29.01 -1.43
CA ARG B 211 6.56 29.02 -1.42
C ARG B 211 5.72 29.35 -0.21
N ALA B 212 5.61 30.64 0.09
CA ALA B 212 4.92 31.10 1.27
C ALA B 212 4.46 32.55 1.16
N VAL B 213 3.64 33.00 2.11
CA VAL B 213 2.98 34.29 1.94
C VAL B 213 2.61 34.80 3.32
N GLU B 214 2.77 36.10 3.54
CA GLU B 214 2.36 36.69 4.79
C GLU B 214 0.91 37.10 4.60
N MET B 215 0.02 36.65 5.49
CA MET B 215 -1.40 37.02 5.44
C MET B 215 -1.70 37.84 6.66
N VAL B 216 -2.55 38.84 6.51
CA VAL B 216 -3.08 39.58 7.66
C VAL B 216 -4.60 39.53 7.64
N ARG B 217 -5.18 39.78 8.80
CA ARG B 217 -6.60 39.59 8.96
C ARG B 217 -7.48 40.56 8.20
N THR B 218 -8.69 40.09 7.93
CA THR B 218 -9.78 40.92 7.50
C THR B 218 -9.98 42.02 8.55
N GLY B 219 -10.06 43.27 8.11
CA GLY B 219 -10.32 44.38 9.01
C GLY B 219 -9.15 44.97 9.73
N MET B 220 -7.94 44.51 9.48
CA MET B 220 -6.74 45.16 10.03
C MET B 220 -6.78 46.63 9.69
N ASP B 221 -6.46 47.47 10.66
CA ASP B 221 -6.34 48.90 10.41
C ASP B 221 -5.40 49.14 9.22
N PRO B 222 -5.81 49.99 8.26
CA PRO B 222 -5.00 50.26 7.07
C PRO B 222 -3.56 50.72 7.34
N ALA B 223 -3.38 51.63 8.26
CA ALA B 223 -2.04 52.12 8.55
C ALA B 223 -1.21 51.04 9.19
N VAL B 224 -1.81 50.23 10.07
CA VAL B 224 -1.09 49.13 10.66
C VAL B 224 -0.65 48.18 9.57
N GLU B 225 -1.56 47.88 8.64
CA GLU B 225 -1.25 47.00 7.52
C GLU B 225 -0.07 47.54 6.70
N GLN B 226 -0.10 48.80 6.31
CA GLN B 226 0.97 49.38 5.50
C GLN B 226 2.27 49.41 6.26
N ARG B 227 2.22 49.77 7.54
CA ARG B 227 3.45 49.76 8.32
C ARG B 227 4.10 48.37 8.46
N LEU B 228 3.28 47.37 8.79
CA LEU B 228 3.80 46.01 8.94
C LEU B 228 4.47 45.56 7.65
N ARG B 229 3.89 45.95 6.51
CA ARG B 229 4.45 45.61 5.21
C ARG B 229 5.86 46.20 5.05
N VAL B 230 5.96 47.50 5.30
CA VAL B 230 7.24 48.20 5.26
C VAL B 230 8.25 47.59 6.27
N VAL B 231 7.79 47.25 7.49
CA VAL B 231 8.68 46.72 8.53
C VAL B 231 9.25 45.37 8.11
N LEU B 232 8.43 44.51 7.53
CA LEU B 232 8.92 43.20 7.08
C LEU B 232 9.85 43.34 5.86
N LEU B 233 9.57 44.27 4.94
CA LEU B 233 10.45 44.52 3.80
C LEU B 233 11.78 45.08 4.25
N GLN B 234 11.73 46.08 5.10
CA GLN B 234 12.95 46.57 5.75
C GLN B 234 13.72 45.42 6.42
N ALA B 235 13.02 44.57 7.19
CA ALA B 235 13.70 43.49 7.99
C ALA B 235 14.45 42.48 7.14
N ALA B 236 13.93 42.21 5.97
CA ALA B 236 14.58 41.32 5.02
C ALA B 236 15.96 41.88 4.63
N SER B 237 16.09 43.20 4.56
CA SER B 237 17.34 43.88 4.17
C SER B 237 18.26 44.20 5.34
N ASP B 238 17.78 44.07 6.57
CA ASP B 238 18.46 44.56 7.76
C ASP B 238 19.31 43.46 8.41
N PRO B 239 20.62 43.74 8.63
CA PRO B 239 21.51 42.85 9.39
C PRO B 239 20.96 42.37 10.74
N LYS B 240 20.39 43.29 11.51
CA LYS B 240 19.81 42.99 12.84
C LYS B 240 18.63 42.01 12.86
N ALA B 241 18.05 41.70 11.71
CA ALA B 241 16.94 40.75 11.64
C ALA B 241 17.35 39.40 11.11
N GLY B 242 18.62 39.25 10.71
CA GLY B 242 19.12 38.03 10.09
C GLY B 242 18.78 36.75 10.85
N PRO B 243 19.24 36.64 12.11
CA PRO B 243 18.93 35.43 12.83
C PRO B 243 17.44 35.33 13.21
N ALA B 244 16.73 36.45 13.42
CA ALA B 244 15.31 36.38 13.68
C ALA B 244 14.59 35.72 12.47
N LEU B 245 14.91 36.17 11.26
CA LEU B 245 14.31 35.61 10.05
C LEU B 245 14.66 34.12 9.77
N LYS B 246 15.93 33.75 10.02
CA LYS B 246 16.38 32.35 9.96
C LYS B 246 15.59 31.50 10.93
N ARG B 247 15.39 31.99 12.14
CA ARG B 247 14.52 31.30 13.12
C ARG B 247 13.07 31.15 12.65
N PHE B 248 12.59 32.15 11.88
CA PHE B 248 11.24 32.24 11.35
C PHE B 248 11.08 31.39 10.08
N PHE B 249 11.14 30.06 10.25
CA PHE B 249 11.00 29.07 9.15
C PHE B 249 12.03 29.26 8.05
N ASP B 250 13.22 29.72 8.43
CA ASP B 250 14.30 30.02 7.50
C ASP B 250 13.83 30.93 6.34
N THR B 251 13.19 32.04 6.74
CA THR B 251 12.71 33.01 5.80
C THR B 251 13.94 33.78 5.34
N THR B 252 14.25 33.70 4.04
CA THR B 252 15.38 34.41 3.44
C THR B 252 14.95 35.61 2.60
N GLY B 253 13.68 35.99 2.67
CA GLY B 253 13.22 37.15 1.94
C GLY B 253 11.71 37.30 1.87
N PHE B 254 11.33 38.55 1.60
CA PHE B 254 9.94 39.03 1.52
C PHE B 254 9.92 39.98 0.34
N ARG B 255 8.92 39.92 -0.52
CA ARG B 255 8.83 40.92 -1.59
C ARG B 255 7.38 41.33 -1.82
N PRO B 256 7.18 42.54 -2.39
CA PRO B 256 5.85 43.04 -2.75
C PRO B 256 5.00 42.09 -3.55
N LEU B 257 3.69 42.20 -3.39
CA LEU B 257 2.76 41.50 -4.23
C LEU B 257 2.86 42.14 -5.63
N ASP B 258 2.67 41.36 -6.67
CA ASP B 258 2.67 41.86 -8.03
C ASP B 258 1.68 41.01 -8.81
N PRO B 259 1.37 41.40 -10.05
CA PRO B 259 0.32 40.63 -10.74
C PRO B 259 0.66 39.16 -10.99
N THR B 260 1.95 38.80 -11.10
CA THR B 260 2.31 37.37 -11.28
C THR B 260 1.95 36.58 -10.02
N SER B 261 2.44 37.04 -8.87
CA SER B 261 2.11 36.35 -7.63
C SER B 261 0.60 36.29 -7.36
N ARG B 262 -0.15 37.33 -7.75
CA ARG B 262 -1.61 37.30 -7.56
C ARG B 262 -2.32 36.26 -8.35
N ARG B 263 -1.96 36.21 -9.63
CA ARG B 263 -2.55 35.29 -10.58
C ARG B 263 -2.24 33.86 -10.13
N ARG B 264 -1.00 33.62 -9.69
CA ARG B 264 -0.63 32.29 -9.18
C ARG B 264 -1.46 31.98 -7.94
N LEU B 265 -1.65 32.93 -7.03
CA LEU B 265 -2.47 32.66 -5.82
C LEU B 265 -3.95 32.40 -6.12
N GLN B 266 -4.50 33.08 -7.12
CA GLN B 266 -5.88 32.84 -7.50
C GLN B 266 -6.04 31.43 -8.13
N GLU B 267 -5.14 31.08 -9.04
CA GLU B 267 -5.15 29.74 -9.68
C GLU B 267 -5.04 28.65 -8.60
N LEU B 268 -4.07 28.79 -7.71
CA LEU B 268 -3.95 27.87 -6.59
C LEU B 268 -5.24 27.85 -5.76
N SER B 269 -5.75 29.04 -5.40
CA SER B 269 -7.05 29.14 -4.71
C SER B 269 -8.24 28.41 -5.42
N ALA B 270 -8.28 28.45 -6.74
CA ALA B 270 -9.30 27.76 -7.51
C ALA B 270 -9.15 26.28 -7.30
N GLY B 271 -7.91 25.80 -7.37
CA GLY B 271 -7.61 24.38 -7.09
C GLY B 271 -7.94 23.95 -5.67
N VAL B 272 -7.55 24.76 -4.69
CA VAL B 272 -7.84 24.41 -3.29
C VAL B 272 -9.35 24.31 -3.02
N GLN B 273 -10.07 25.24 -3.63
CA GLN B 273 -11.54 25.32 -3.52
C GLN B 273 -12.15 24.02 -4.11
N ARG B 274 -11.63 23.62 -5.25
CA ARG B 274 -11.97 22.34 -5.91
C ARG B 274 -11.70 21.12 -5.02
N VAL B 275 -10.52 21.05 -4.40
CA VAL B 275 -10.21 20.01 -3.41
C VAL B 275 -11.26 19.99 -2.28
N ARG B 276 -11.59 21.18 -1.76
CA ARG B 276 -12.55 21.27 -0.66
C ARG B 276 -13.94 20.78 -1.02
N ASP B 277 -14.40 21.10 -2.23
CA ASP B 277 -15.71 20.66 -2.74
C ASP B 277 -15.58 19.27 -3.39
N HIS B 278 -15.26 18.27 -2.57
CA HIS B 278 -14.80 16.90 -3.01
C HIS B 278 -14.21 16.10 -1.83
N VAL B 279 -13.58 16.74 -0.85
CA VAL B 279 -12.97 16.03 0.29
C VAL B 279 -13.53 16.37 1.69
N GLU B 280 -13.87 17.64 1.95
CA GLU B 280 -14.12 18.09 3.34
C GLU B 280 -15.24 17.35 4.08
#